data_5M12
#
_entry.id   5M12
#
_cell.length_a   68.150
_cell.length_b   96.040
_cell.length_c   98.120
_cell.angle_alpha   90.00
_cell.angle_beta   90.00
_cell.angle_gamma   90.00
#
_symmetry.space_group_name_H-M   'P 21 21 21'
#
loop_
_entity.id
_entity.type
_entity.pdbx_description
1 polymer Alpha-galactosidase
2 non-polymer 'SULFATE ION'
3 non-polymer 'MAGNESIUM ION'
4 non-polymer (1~{R},2~{S},3~{S},4~{R},5~{S},6~{S})-5-[3,5-bis(fluoranyl)phenoxy]-1-(hydroxymethyl)bicyclo[4.1.0]heptane-2,3,4-triol
5 water water
#
_entity_poly.entity_id   1
_entity_poly.type   'polypeptide(L)'
_entity_poly.pdbx_seq_one_letter_code
;MGSSHHHHHHSSGLVPRGSHMASMEIFGKTFREGRFVLKEKNFTVEFAVEKIHLGWKISGRVKGSPGRLEVLRTKAPEKV
LVNNWQSWGPCRVVDAFSFKPPEIDPNWRYTASVVPDVLERNLQSDYFVAEEGKVYGFLSSKIAHPFFAVEDGELVAYLE
YFDVEFDDFVPLEPLVVLEDPNTPLLLEKYAELVGMENNARVPKHTPTGWCSWYHYFLDLTWEETLKNLKLAKNFPFEVF
QIDDAYEKDIGDWLVTRGDFPSVEEMAKVIAENGFIPGIWTAPFSVSETSDVFNEHPDWVVKENGEPKMAYRNWNKKIYA
LDLSKDEVLNWLFDLFSSLRKMGYRYFKIDFLFAGAVPGERKKNITPIQAFRKGIETIRKAVGEDSFILGCGSPLLPAVG
CVDGMRIGPDTAPFWGEHIEDNGAPAARWALRNAITRYFMHDRFWLNDPDCLILREEKTDLTQKEKELYSYTCGVLDNMI
IESDDLSLVRDHGKKVLKETLELLGGRPRVQNIMSEDLRYEIVSSGTLSGNVKIVVDLNSREYHLEKEGKSSLKKRVVKR
EDGRNFYFYEEGERE
;
_entity_poly.pdbx_strand_id   A
#
loop_
_chem_comp.id
_chem_comp.type
_chem_comp.name
_chem_comp.formula
7D0 non-polymer (1~{R},2~{S},3~{S},4~{R},5~{S},6~{S})-5-[3,5-bis(fluoranyl)phenoxy]-1-(hydroxymethyl)bicyclo[4.1.0]heptane-2,3,4-triol 'C14 H16 F2 O5'
MG non-polymer 'MAGNESIUM ION' 'Mg 2'
SO4 non-polymer 'SULFATE ION' 'O4 S -2'
#
# COMPACT_ATOMS: atom_id res chain seq x y z
N VAL A 15 -21.24 21.87 25.77
CA VAL A 15 -20.48 20.76 25.07
C VAL A 15 -20.24 19.59 26.05
N PRO A 16 -21.32 18.82 26.34
CA PRO A 16 -21.20 17.61 27.18
C PRO A 16 -20.38 16.46 26.53
N ARG A 17 -19.92 15.57 27.37
CA ARG A 17 -19.17 14.40 26.96
C ARG A 17 -20.19 13.31 26.68
N GLY A 18 -20.11 12.70 25.51
CA GLY A 18 -20.87 11.49 25.31
C GLY A 18 -20.52 10.44 26.34
N SER A 19 -21.52 9.61 26.67
CA SER A 19 -21.33 8.46 27.52
C SER A 19 -20.20 7.52 27.04
N HIS A 20 -20.11 7.33 25.73
CA HIS A 20 -19.09 6.45 25.10
C HIS A 20 -17.71 7.09 25.17
N MET A 21 -17.63 8.41 25.13
CA MET A 21 -16.35 9.11 25.35
C MET A 21 -15.84 9.05 26.82
N ALA A 22 -16.72 9.22 27.82
CA ALA A 22 -16.33 9.03 29.24
C ALA A 22 -15.90 7.61 29.53
N SER A 23 -16.31 6.67 28.67
CA SER A 23 -15.99 5.26 28.88
C SER A 23 -14.58 4.88 28.31
N MET A 24 -13.96 5.79 27.57
N MET A 24 -13.96 5.79 27.59
CA MET A 24 -12.67 5.51 26.87
CA MET A 24 -12.66 5.45 27.01
C MET A 24 -11.46 5.74 27.82
C MET A 24 -11.51 5.50 28.06
N GLU A 25 -10.40 4.90 27.69
CA GLU A 25 -9.12 5.10 28.46
C GLU A 25 -8.00 5.49 27.52
N ILE A 26 -7.33 6.60 27.83
CA ILE A 26 -6.12 7.04 27.11
C ILE A 26 -4.88 6.83 28.00
N PHE A 27 -3.89 6.08 27.48
CA PHE A 27 -2.73 5.64 28.26
C PHE A 27 -3.14 5.19 29.69
N GLY A 28 -4.22 4.41 29.75
CA GLY A 28 -4.67 3.78 30.95
C GLY A 28 -5.53 4.66 31.84
N LYS A 29 -5.70 5.93 31.50
CA LYS A 29 -6.46 6.87 32.31
C LYS A 29 -7.81 7.17 31.68
N THR A 30 -8.77 7.42 32.55
CA THR A 30 -10.06 7.90 32.07
C THR A 30 -9.88 9.06 31.08
N PHE A 31 -10.57 8.98 29.94
CA PHE A 31 -10.49 9.98 28.91
C PHE A 31 -10.96 11.34 29.41
N ARG A 32 -10.17 12.36 29.12
CA ARG A 32 -10.57 13.74 29.18
C ARG A 32 -9.50 14.57 28.59
N GLU A 33 -9.88 15.77 28.18
CA GLU A 33 -8.98 16.77 27.69
C GLU A 33 -7.93 17.22 28.70
N GLY A 34 -6.74 17.56 28.20
CA GLY A 34 -5.66 17.96 29.12
C GLY A 34 -4.23 17.55 28.75
N ARG A 35 -3.32 17.70 29.71
N ARG A 35 -3.33 17.68 29.71
CA ARG A 35 -1.88 17.47 29.48
CA ARG A 35 -1.91 17.42 29.52
C ARG A 35 -1.35 16.61 30.61
C ARG A 35 -1.45 16.54 30.63
N PHE A 36 -0.74 15.48 30.26
CA PHE A 36 -0.51 14.37 31.19
C PHE A 36 0.92 13.79 31.10
N VAL A 37 1.29 13.07 32.15
CA VAL A 37 2.59 12.43 32.25
C VAL A 37 2.39 11.06 32.87
N LEU A 38 2.71 10.00 32.13
CA LEU A 38 2.72 8.64 32.67
C LEU A 38 4.18 8.21 32.90
N LYS A 39 4.62 8.19 34.16
CA LYS A 39 5.92 7.64 34.53
C LYS A 39 5.70 6.23 34.96
N GLU A 40 6.07 5.29 34.10
CA GLU A 40 5.78 3.88 34.32
C GLU A 40 7.12 3.25 34.59
N LYS A 41 7.14 1.94 34.80
CA LYS A 41 8.36 1.29 35.24
C LYS A 41 9.53 1.54 34.25
N ASN A 42 9.38 1.11 33.00
CA ASN A 42 10.50 1.12 32.06
C ASN A 42 10.39 2.21 31.01
N PHE A 43 9.33 3.01 31.07
CA PHE A 43 9.17 4.10 30.10
C PHE A 43 8.47 5.28 30.70
N THR A 44 8.61 6.41 30.04
CA THR A 44 7.84 7.60 30.32
C THR A 44 7.15 8.16 29.07
N VAL A 45 5.88 8.56 29.24
CA VAL A 45 5.15 9.24 28.20
C VAL A 45 4.63 10.56 28.66
N GLU A 46 4.76 11.55 27.80
CA GLU A 46 4.14 12.85 28.00
C GLU A 46 3.17 13.13 26.86
N PHE A 47 1.89 13.29 27.17
CA PHE A 47 0.90 13.39 26.07
C PHE A 47 -0.15 14.41 26.33
N ALA A 48 -0.69 14.96 25.23
CA ALA A 48 -1.80 15.86 25.30
C ALA A 48 -3.01 15.31 24.58
N VAL A 49 -4.19 15.55 25.14
CA VAL A 49 -5.47 15.25 24.50
C VAL A 49 -6.19 16.55 24.18
N GLU A 50 -6.34 16.82 22.89
CA GLU A 50 -6.75 18.15 22.42
C GLU A 50 -7.93 18.02 21.48
N LYS A 51 -8.82 19.01 21.53
CA LYS A 51 -9.93 19.10 20.62
C LYS A 51 -9.53 19.57 19.25
N ILE A 52 -9.98 18.85 18.21
CA ILE A 52 -9.81 19.27 16.85
C ILE A 52 -11.14 19.20 16.15
N HIS A 53 -11.22 19.76 14.96
CA HIS A 53 -12.39 19.62 14.09
C HIS A 53 -12.81 18.12 13.92
N LEU A 54 -14.04 17.79 14.36
CA LEU A 54 -14.69 16.50 14.23
C LEU A 54 -14.21 15.56 15.30
N GLY A 55 -13.34 16.00 16.20
CA GLY A 55 -13.02 15.11 17.27
C GLY A 55 -11.83 15.43 18.14
N TRP A 56 -10.96 14.46 18.38
CA TRP A 56 -9.85 14.63 19.30
C TRP A 56 -8.54 14.23 18.65
N LYS A 57 -7.42 14.73 19.21
CA LYS A 57 -6.07 14.31 18.79
C LYS A 57 -5.26 14.05 20.02
N ILE A 58 -4.62 12.89 20.08
CA ILE A 58 -3.71 12.50 21.16
C ILE A 58 -2.27 12.47 20.61
N SER A 59 -1.39 13.30 21.17
CA SER A 59 -0.02 13.51 20.66
C SER A 59 0.94 13.71 21.83
N GLY A 60 2.22 13.59 21.55
CA GLY A 60 3.25 13.80 22.57
C GLY A 60 4.55 13.07 22.29
N ARG A 61 5.17 12.54 23.34
CA ARG A 61 6.52 12.00 23.23
C ARG A 61 6.78 10.94 24.29
N VAL A 62 7.68 10.02 23.96
CA VAL A 62 7.91 8.85 24.76
C VAL A 62 9.42 8.60 24.87
N LYS A 63 9.84 8.00 25.96
CA LYS A 63 11.24 7.59 26.10
C LYS A 63 11.35 6.41 27.01
N GLY A 64 12.53 5.81 27.04
CA GLY A 64 12.65 4.51 27.69
C GLY A 64 12.41 3.32 26.77
N SER A 65 11.88 2.23 27.32
CA SER A 65 11.51 1.04 26.56
C SER A 65 9.99 0.87 26.59
N PRO A 66 9.29 1.58 25.70
CA PRO A 66 7.82 1.48 25.68
C PRO A 66 7.22 0.14 25.22
N GLY A 67 8.01 -0.66 24.49
CA GLY A 67 7.57 -1.96 24.05
C GLY A 67 6.31 -1.87 23.18
N ARG A 68 5.36 -2.72 23.49
CA ARG A 68 3.98 -2.62 22.95
C ARG A 68 3.16 -1.67 23.84
N LEU A 69 3.09 -0.41 23.42
CA LEU A 69 2.56 0.68 24.26
C LEU A 69 1.02 0.84 24.05
N GLU A 70 0.23 0.65 25.11
CA GLU A 70 -1.24 0.90 25.04
C GLU A 70 -1.58 2.37 25.01
N VAL A 71 -2.23 2.79 23.93
CA VAL A 71 -2.60 4.17 23.75
C VAL A 71 -4.10 4.42 24.09
N LEU A 72 -4.97 3.58 23.57
CA LEU A 72 -6.44 3.78 23.80
C LEU A 72 -7.15 2.50 24.02
N ARG A 73 -8.21 2.55 24.85
CA ARG A 73 -9.04 1.41 25.07
C ARG A 73 -10.53 1.85 25.10
N THR A 74 -11.38 1.05 24.43
CA THR A 74 -12.82 1.28 24.39
C THR A 74 -13.54 0.00 23.99
N LYS A 75 -14.85 -0.06 24.25
CA LYS A 75 -15.64 -1.20 23.83
C LYS A 75 -15.57 -1.41 22.30
N ALA A 76 -15.38 -2.65 21.87
CA ALA A 76 -15.33 -2.96 20.44
C ALA A 76 -16.70 -2.74 19.84
N PRO A 77 -16.79 -2.14 18.66
CA PRO A 77 -18.05 -2.13 17.96
C PRO A 77 -18.34 -3.49 17.33
N GLU A 78 -19.57 -3.73 16.92
CA GLU A 78 -19.96 -5.02 16.36
C GLU A 78 -19.41 -5.23 14.97
N LYS A 79 -19.53 -4.19 14.14
CA LYS A 79 -19.06 -4.16 12.72
C LYS A 79 -17.96 -3.13 12.53
N VAL A 80 -16.77 -3.59 12.09
CA VAL A 80 -15.64 -2.69 11.92
C VAL A 80 -15.03 -2.83 10.52
N LEU A 81 -14.66 -1.69 9.97
CA LEU A 81 -13.82 -1.62 8.74
C LEU A 81 -12.38 -1.77 9.22
N VAL A 82 -11.76 -2.89 8.85
CA VAL A 82 -10.38 -3.23 9.23
C VAL A 82 -9.46 -3.10 8.01
N ASN A 83 -8.22 -2.72 8.27
CA ASN A 83 -7.23 -2.45 7.22
C ASN A 83 -5.92 -3.21 7.49
N ASN A 84 -5.46 -3.98 6.50
CA ASN A 84 -4.15 -4.59 6.55
C ASN A 84 -3.05 -3.56 6.34
N TRP A 85 -1.87 -3.76 6.94
CA TRP A 85 -0.81 -2.80 6.80
C TRP A 85 -0.29 -2.54 5.35
N GLN A 86 -0.46 -3.51 4.45
CA GLN A 86 0.24 -3.39 3.18
C GLN A 86 -0.71 -3.48 1.96
N SER A 87 -0.15 -3.14 0.79
CA SER A 87 -0.87 -3.04 -0.46
C SER A 87 -1.86 -4.19 -0.70
N TRP A 88 -1.42 -5.46 -0.53
CA TRP A 88 -2.21 -6.60 -0.99
C TRP A 88 -3.31 -7.06 0.00
N GLY A 89 -3.18 -6.64 1.26
CA GLY A 89 -4.08 -7.16 2.29
C GLY A 89 -5.42 -6.44 2.21
N PRO A 90 -6.46 -7.04 2.75
CA PRO A 90 -7.80 -6.49 2.63
C PRO A 90 -8.09 -5.28 3.49
N CYS A 91 -8.92 -4.39 2.96
CA CYS A 91 -9.58 -3.37 3.75
C CYS A 91 -11.08 -3.65 3.58
N ARG A 92 -11.73 -4.09 4.65
CA ARG A 92 -13.05 -4.67 4.54
C ARG A 92 -13.77 -4.65 5.87
N VAL A 93 -15.09 -4.77 5.81
CA VAL A 93 -15.90 -4.76 7.04
C VAL A 93 -16.03 -6.19 7.58
N VAL A 94 -15.80 -6.33 8.88
N VAL A 94 -15.72 -6.39 8.86
CA VAL A 94 -15.75 -7.61 9.55
CA VAL A 94 -15.88 -7.69 9.47
C VAL A 94 -16.72 -7.58 10.73
C VAL A 94 -16.66 -7.61 10.75
N ASP A 95 -17.29 -8.73 11.09
CA ASP A 95 -18.02 -8.89 12.37
C ASP A 95 -17.04 -9.21 13.49
N ALA A 96 -16.91 -8.28 14.42
CA ALA A 96 -15.84 -8.28 15.42
C ALA A 96 -16.06 -9.34 16.50
N PHE A 97 -17.28 -9.85 16.65
CA PHE A 97 -17.55 -10.81 17.73
C PHE A 97 -17.46 -12.27 17.26
N SER A 98 -17.63 -12.49 15.97
CA SER A 98 -17.53 -13.84 15.42
C SER A 98 -16.21 -14.04 14.67
N PHE A 99 -15.18 -13.28 15.01
CA PHE A 99 -13.88 -13.42 14.36
C PHE A 99 -13.18 -14.75 14.69
N LYS A 100 -12.63 -15.38 13.66
CA LYS A 100 -11.84 -16.60 13.83
C LYS A 100 -10.42 -16.34 13.35
N PRO A 101 -9.42 -16.54 14.22
CA PRO A 101 -8.03 -16.38 13.77
C PRO A 101 -7.77 -17.14 12.48
N PRO A 102 -7.10 -16.53 11.50
CA PRO A 102 -6.75 -17.33 10.33
C PRO A 102 -5.53 -18.25 10.55
N GLU A 103 -5.45 -19.33 9.77
CA GLU A 103 -4.21 -20.05 9.54
C GLU A 103 -3.35 -19.17 8.63
N ILE A 104 -2.14 -18.86 9.07
CA ILE A 104 -1.24 -18.06 8.24
C ILE A 104 -0.25 -18.97 7.48
N ASP A 105 -0.18 -18.73 6.16
CA ASP A 105 0.85 -19.31 5.27
C ASP A 105 2.25 -18.93 5.77
N PRO A 106 3.02 -19.92 6.27
CA PRO A 106 4.36 -19.68 6.83
C PRO A 106 5.35 -19.08 5.80
N ASN A 107 5.07 -19.20 4.53
CA ASN A 107 5.88 -18.53 3.51
C ASN A 107 5.58 -17.03 3.29
N TRP A 108 4.50 -16.56 3.91
CA TRP A 108 4.02 -15.18 3.70
C TRP A 108 3.48 -14.55 4.96
N ARG A 109 4.09 -14.93 6.08
CA ARG A 109 3.66 -14.54 7.41
C ARG A 109 3.54 -13.03 7.56
N TYR A 110 4.56 -12.33 7.06
CA TYR A 110 4.63 -10.90 7.32
C TYR A 110 3.77 -10.03 6.44
N THR A 111 3.28 -10.55 5.32
CA THR A 111 2.18 -9.85 4.62
C THR A 111 0.88 -9.82 5.40
N ALA A 112 0.64 -10.86 6.18
CA ALA A 112 -0.56 -10.85 6.97
C ALA A 112 -0.43 -9.90 8.18
N SER A 113 0.75 -9.82 8.79
CA SER A 113 0.97 -8.98 9.97
C SER A 113 2.45 -8.80 10.30
N VAL A 114 2.82 -7.58 10.67
CA VAL A 114 4.13 -7.31 11.22
C VAL A 114 4.23 -7.71 12.72
N VAL A 115 3.08 -7.98 13.32
CA VAL A 115 2.98 -8.54 14.69
C VAL A 115 2.14 -9.81 14.74
N PRO A 116 2.68 -10.92 14.19
CA PRO A 116 1.80 -12.04 13.89
C PRO A 116 1.27 -12.77 15.13
N ASP A 117 1.87 -12.53 16.30
CA ASP A 117 1.34 -13.07 17.56
C ASP A 117 -0.07 -12.55 17.87
N VAL A 118 -0.36 -11.32 17.39
CA VAL A 118 -1.66 -10.68 17.56
C VAL A 118 -2.69 -11.35 16.68
N LEU A 119 -2.38 -11.44 15.40
CA LEU A 119 -3.30 -11.88 14.38
C LEU A 119 -3.72 -13.32 14.48
N GLU A 120 -2.79 -14.16 14.90
CA GLU A 120 -3.12 -15.57 15.10
C GLU A 120 -4.06 -15.79 16.30
N ARG A 121 -4.24 -14.77 17.14
CA ARG A 121 -5.16 -14.80 18.31
C ARG A 121 -6.45 -13.93 18.23
N ASN A 122 -6.30 -12.69 17.73
CA ASN A 122 -7.32 -11.64 17.83
C ASN A 122 -7.41 -10.88 16.50
N LEU A 123 -8.55 -10.23 16.31
CA LEU A 123 -8.76 -9.36 15.17
C LEU A 123 -7.77 -8.20 15.24
N GLN A 124 -7.13 -7.93 14.10
CA GLN A 124 -6.08 -6.92 14.00
C GLN A 124 -6.45 -5.93 12.87
N SER A 125 -6.29 -4.65 13.15
CA SER A 125 -6.39 -3.58 12.14
C SER A 125 -5.20 -2.65 12.22
N ASP A 126 -4.53 -2.43 11.09
CA ASP A 126 -3.34 -1.58 11.06
C ASP A 126 -3.64 -0.15 10.64
N TYR A 127 -3.07 0.81 11.36
CA TYR A 127 -3.08 2.24 11.13
C TYR A 127 -4.41 2.89 11.55
N PHE A 128 -5.52 2.35 11.04
CA PHE A 128 -6.84 2.87 11.36
C PHE A 128 -7.86 1.77 11.45
N VAL A 129 -9.02 2.13 12.02
CA VAL A 129 -10.15 1.25 12.05
C VAL A 129 -11.38 2.16 12.05
N ALA A 130 -12.49 1.67 11.50
CA ALA A 130 -13.73 2.47 11.48
C ALA A 130 -14.96 1.67 11.79
N GLU A 131 -15.95 2.41 12.30
CA GLU A 131 -17.32 1.89 12.45
C GLU A 131 -18.25 2.93 11.86
N GLU A 132 -19.53 2.59 11.75
CA GLU A 132 -20.47 3.63 11.35
C GLU A 132 -20.41 4.83 12.31
N GLY A 133 -20.03 5.97 11.76
CA GLY A 133 -20.00 7.23 12.47
C GLY A 133 -18.70 7.61 13.13
N LYS A 134 -17.69 6.73 13.09
CA LYS A 134 -16.49 6.92 13.96
C LYS A 134 -15.22 6.34 13.31
N VAL A 135 -14.16 7.15 13.25
CA VAL A 135 -12.84 6.70 12.74
C VAL A 135 -11.81 6.85 13.87
N TYR A 136 -11.02 5.82 14.12
CA TYR A 136 -9.86 5.92 15.00
C TYR A 136 -8.67 5.72 14.07
N GLY A 137 -7.71 6.63 14.06
CA GLY A 137 -6.60 6.49 13.07
C GLY A 137 -5.33 7.16 13.47
N PHE A 138 -4.21 6.49 13.24
CA PHE A 138 -2.92 7.09 13.55
C PHE A 138 -2.42 7.92 12.36
N LEU A 139 -1.80 9.08 12.60
CA LEU A 139 -1.42 9.97 11.52
C LEU A 139 -0.10 9.66 10.83
N SER A 140 0.66 8.73 11.41
CA SER A 140 1.99 8.42 10.90
C SER A 140 2.46 7.11 11.45
N SER A 141 3.45 6.56 10.74
CA SER A 141 4.26 5.41 11.21
C SER A 141 5.71 5.67 10.86
N LYS A 142 6.40 6.40 11.73
CA LYS A 142 7.79 6.80 11.47
C LYS A 142 8.79 6.00 12.32
N ILE A 143 8.37 5.63 13.51
CA ILE A 143 9.16 4.82 14.46
C ILE A 143 8.42 3.57 14.87
N ALA A 144 7.19 3.73 15.38
CA ALA A 144 6.41 2.58 15.83
C ALA A 144 5.45 2.09 14.74
N HIS A 145 5.03 0.85 14.85
CA HIS A 145 3.91 0.36 14.07
C HIS A 145 2.63 0.55 14.85
N PRO A 146 1.66 1.32 14.30
CA PRO A 146 0.42 1.57 15.04
C PRO A 146 -0.66 0.63 14.58
N PHE A 147 -1.32 0.00 15.55
CA PHE A 147 -2.36 -0.96 15.20
C PHE A 147 -3.41 -1.10 16.29
N PHE A 148 -4.53 -1.75 15.94
CA PHE A 148 -5.64 -1.96 16.87
C PHE A 148 -5.85 -3.46 16.99
N ALA A 149 -6.21 -3.93 18.20
CA ALA A 149 -6.62 -5.29 18.34
C ALA A 149 -7.96 -5.37 19.09
N VAL A 150 -8.79 -6.37 18.76
CA VAL A 150 -9.97 -6.63 19.60
C VAL A 150 -9.60 -7.75 20.57
N GLU A 151 -9.47 -7.38 21.83
CA GLU A 151 -9.00 -8.23 22.92
C GLU A 151 -10.18 -8.39 23.90
N ASP A 152 -10.81 -9.58 23.91
CA ASP A 152 -11.97 -9.88 24.78
C ASP A 152 -13.06 -8.81 24.77
N GLY A 153 -13.61 -8.52 23.60
CA GLY A 153 -14.67 -7.53 23.50
C GLY A 153 -14.23 -6.07 23.59
N GLU A 154 -12.93 -5.82 23.68
CA GLU A 154 -12.44 -4.44 23.80
C GLU A 154 -11.51 -4.07 22.62
N LEU A 155 -11.71 -2.88 22.09
CA LEU A 155 -10.83 -2.34 21.03
C LEU A 155 -9.67 -1.57 21.66
N VAL A 156 -8.42 -2.02 21.38
CA VAL A 156 -7.25 -1.47 22.04
C VAL A 156 -6.30 -0.98 20.95
N ALA A 157 -5.92 0.26 21.04
CA ALA A 157 -4.94 0.86 20.12
C ALA A 157 -3.52 0.75 20.73
N TYR A 158 -2.55 0.33 19.91
CA TYR A 158 -1.18 0.10 20.34
C TYR A 158 -0.18 0.75 19.41
N LEU A 159 0.90 1.19 19.99
CA LEU A 159 2.13 1.50 19.27
C LEU A 159 3.25 0.48 19.60
N GLU A 160 3.63 -0.30 18.57
CA GLU A 160 4.68 -1.33 18.70
C GLU A 160 6.06 -0.75 18.42
N TYR A 161 6.93 -0.79 19.43
CA TYR A 161 8.31 -0.28 19.29
C TYR A 161 9.36 -1.41 19.15
N PHE A 162 8.93 -2.67 19.09
CA PHE A 162 9.82 -3.79 18.71
C PHE A 162 11.05 -3.83 19.62
N ASP A 163 10.79 -3.62 20.91
CA ASP A 163 11.82 -3.72 21.96
C ASP A 163 12.99 -2.76 21.88
N VAL A 164 12.90 -1.70 21.11
CA VAL A 164 13.92 -0.71 21.01
C VAL A 164 13.82 0.23 22.20
N GLU A 165 14.98 0.63 22.70
CA GLU A 165 15.08 1.56 23.81
C GLU A 165 15.42 2.93 23.28
N PHE A 166 14.85 3.97 23.90
CA PHE A 166 15.12 5.33 23.49
C PHE A 166 15.65 6.13 24.68
N ASP A 167 16.91 6.57 24.59
CA ASP A 167 17.55 7.33 25.68
C ASP A 167 16.88 8.65 25.92
N ASP A 168 16.60 9.36 24.81
CA ASP A 168 15.89 10.62 24.85
C ASP A 168 14.49 10.52 24.19
N PHE A 169 13.65 11.53 24.45
CA PHE A 169 12.27 11.47 23.95
C PHE A 169 12.25 11.41 22.41
N VAL A 170 11.29 10.64 21.89
CA VAL A 170 10.97 10.68 20.46
C VAL A 170 9.46 10.95 20.35
N PRO A 171 9.02 11.53 19.23
CA PRO A 171 7.57 11.80 19.10
C PRO A 171 6.75 10.52 19.03
N LEU A 172 5.64 10.48 19.75
CA LEU A 172 4.54 9.52 19.49
C LEU A 172 4.03 9.70 18.06
N GLU A 173 3.51 8.60 17.49
CA GLU A 173 2.67 8.71 16.31
C GLU A 173 1.30 9.27 16.80
N PRO A 174 0.87 10.39 16.23
CA PRO A 174 -0.39 10.94 16.73
C PRO A 174 -1.61 10.06 16.41
N LEU A 175 -2.59 10.06 17.32
CA LEU A 175 -3.85 9.35 17.13
C LEU A 175 -5.03 10.30 17.09
N VAL A 176 -5.87 10.18 16.06
CA VAL A 176 -7.12 10.96 16.02
C VAL A 176 -8.31 10.04 16.29
N VAL A 177 -9.32 10.57 17.01
CA VAL A 177 -10.63 9.92 17.17
C VAL A 177 -11.69 10.89 16.66
N LEU A 178 -12.34 10.55 15.54
CA LEU A 178 -13.23 11.46 14.80
C LEU A 178 -14.65 10.87 14.80
N GLU A 179 -15.64 11.73 15.02
CA GLU A 179 -17.05 11.33 15.03
C GLU A 179 -17.93 12.28 14.19
N ASP A 180 -18.76 11.69 13.32
CA ASP A 180 -19.73 12.36 12.47
C ASP A 180 -20.57 11.24 11.85
N PRO A 181 -21.86 11.49 11.55
CA PRO A 181 -22.59 10.43 10.88
C PRO A 181 -22.13 10.11 9.43
N ASN A 182 -21.49 11.05 8.75
CA ASN A 182 -20.92 10.79 7.42
C ASN A 182 -19.53 10.11 7.51
N THR A 183 -19.52 8.78 7.54
CA THR A 183 -18.29 7.97 7.75
C THR A 183 -17.30 8.22 6.59
N PRO A 184 -17.76 8.30 5.35
CA PRO A 184 -16.78 8.62 4.27
C PRO A 184 -16.07 9.96 4.46
N LEU A 185 -16.81 10.98 4.86
CA LEU A 185 -16.23 12.26 5.21
C LEU A 185 -15.15 12.15 6.30
N LEU A 186 -15.37 11.34 7.33
CA LEU A 186 -14.41 11.15 8.41
C LEU A 186 -13.13 10.50 7.82
N LEU A 187 -13.34 9.52 6.96
CA LEU A 187 -12.18 8.80 6.41
C LEU A 187 -11.36 9.76 5.52
N GLU A 188 -12.02 10.59 4.74
CA GLU A 188 -11.36 11.60 3.95
C GLU A 188 -10.62 12.64 4.79
N LYS A 189 -11.23 13.05 5.90
CA LYS A 189 -10.58 13.97 6.84
C LYS A 189 -9.33 13.33 7.48
N TYR A 190 -9.47 12.11 7.99
CA TYR A 190 -8.34 11.34 8.51
C TYR A 190 -7.18 11.36 7.52
N ALA A 191 -7.50 11.10 6.26
CA ALA A 191 -6.48 11.01 5.24
C ALA A 191 -5.84 12.38 4.89
N GLU A 192 -6.62 13.46 4.93
N GLU A 192 -6.63 13.44 4.92
CA GLU A 192 -6.03 14.78 4.77
CA GLU A 192 -6.10 14.79 4.84
C GLU A 192 -5.09 15.11 5.94
C GLU A 192 -5.07 15.04 5.92
N LEU A 193 -5.42 14.64 7.15
CA LEU A 193 -4.54 14.84 8.31
C LEU A 193 -3.22 14.02 8.17
N VAL A 194 -3.33 12.76 7.71
CA VAL A 194 -2.15 11.95 7.40
C VAL A 194 -1.29 12.69 6.34
N GLY A 195 -1.87 13.19 5.26
CA GLY A 195 -1.08 13.82 4.21
C GLY A 195 -0.31 15.04 4.73
N MET A 196 -0.95 15.80 5.62
CA MET A 196 -0.27 16.95 6.28
C MET A 196 0.85 16.57 7.25
N GLU A 197 0.63 15.53 8.01
CA GLU A 197 1.60 15.06 8.98
C GLU A 197 2.87 14.53 8.28
N ASN A 198 2.72 14.01 7.05
CA ASN A 198 3.82 13.31 6.34
C ASN A 198 4.33 14.00 5.09
N ASN A 199 3.80 15.20 4.80
CA ASN A 199 4.14 15.90 3.58
C ASN A 199 3.95 15.04 2.35
N ALA A 200 2.76 14.49 2.21
CA ALA A 200 2.46 13.56 1.12
C ALA A 200 2.79 14.17 -0.24
N ARG A 201 3.23 13.31 -1.14
CA ARG A 201 3.41 13.68 -2.54
C ARG A 201 2.13 13.40 -3.30
N VAL A 202 1.50 14.44 -3.81
CA VAL A 202 0.33 14.24 -4.65
C VAL A 202 0.65 14.87 -6.00
N PRO A 203 1.18 14.07 -6.93
CA PRO A 203 1.51 14.62 -8.23
C PRO A 203 0.32 15.28 -8.90
N LYS A 204 0.63 16.30 -9.66
CA LYS A 204 -0.38 17.05 -10.36
C LYS A 204 -0.73 16.40 -11.69
N HIS A 205 0.18 15.58 -12.21
CA HIS A 205 -0.06 14.76 -13.38
C HIS A 205 -0.05 13.29 -13.04
N THR A 206 -1.04 12.56 -13.56
CA THR A 206 -1.07 11.13 -13.49
C THR A 206 -0.63 10.42 -14.74
N PRO A 207 0.43 9.59 -14.62
CA PRO A 207 0.93 8.77 -15.73
C PRO A 207 -0.09 7.79 -16.27
N THR A 208 -0.11 7.68 -17.60
CA THR A 208 -0.68 6.54 -18.28
C THR A 208 0.45 5.64 -18.82
N GLY A 209 0.11 4.41 -19.13
CA GLY A 209 1.15 3.48 -19.48
C GLY A 209 0.74 2.06 -19.75
N TRP A 210 1.77 1.28 -20.04
CA TRP A 210 1.72 -0.14 -20.28
C TRP A 210 2.64 -0.86 -19.28
N CYS A 211 2.19 -2.02 -18.83
CA CYS A 211 2.92 -2.94 -17.97
C CYS A 211 2.86 -4.35 -18.51
N SER A 212 3.96 -5.08 -18.45
CA SER A 212 4.07 -6.43 -19.00
C SER A 212 3.43 -7.56 -18.22
N TRP A 213 3.16 -7.36 -16.93
CA TRP A 213 2.99 -8.47 -16.06
C TRP A 213 1.76 -9.35 -16.32
N TYR A 214 0.60 -8.74 -16.42
CA TYR A 214 -0.66 -9.44 -16.42
C TYR A 214 -1.06 -10.01 -17.79
N HIS A 215 -0.17 -9.92 -18.77
CA HIS A 215 -0.26 -10.78 -19.97
C HIS A 215 0.84 -11.85 -19.99
N TYR A 216 2.09 -11.43 -19.82
CA TYR A 216 3.24 -12.31 -20.04
C TYR A 216 3.81 -12.95 -18.80
N PHE A 217 3.58 -12.33 -17.64
CA PHE A 217 4.10 -12.86 -16.40
C PHE A 217 5.65 -13.07 -16.54
N LEU A 218 6.17 -14.12 -15.97
CA LEU A 218 7.62 -14.34 -16.00
C LEU A 218 8.09 -14.80 -17.38
N ASP A 219 7.17 -15.07 -18.27
CA ASP A 219 7.54 -15.57 -19.59
C ASP A 219 7.71 -14.48 -20.63
N LEU A 220 7.65 -13.21 -20.25
CA LEU A 220 7.97 -12.17 -21.15
C LEU A 220 9.36 -12.45 -21.83
N THR A 221 9.42 -12.29 -23.14
CA THR A 221 10.64 -12.26 -23.90
C THR A 221 10.87 -10.84 -24.36
N TRP A 222 12.11 -10.47 -24.63
CA TRP A 222 12.34 -9.17 -25.22
C TRP A 222 11.77 -9.06 -26.66
N GLU A 223 11.72 -10.18 -27.38
CA GLU A 223 11.01 -10.20 -28.67
C GLU A 223 9.53 -9.78 -28.57
N GLU A 224 8.79 -10.40 -27.64
CA GLU A 224 7.42 -9.94 -27.41
C GLU A 224 7.36 -8.48 -26.93
N THR A 225 8.31 -8.06 -26.08
CA THR A 225 8.37 -6.69 -25.65
C THR A 225 8.51 -5.70 -26.79
N LEU A 226 9.41 -5.99 -27.73
CA LEU A 226 9.57 -5.15 -28.91
C LEU A 226 8.31 -5.07 -29.78
N LYS A 227 7.61 -6.18 -29.93
CA LYS A 227 6.32 -6.18 -30.66
C LYS A 227 5.32 -5.21 -30.04
N ASN A 228 5.19 -5.29 -28.70
CA ASN A 228 4.31 -4.38 -27.98
C ASN A 228 4.79 -2.96 -27.95
N LEU A 229 6.12 -2.79 -27.94
CA LEU A 229 6.65 -1.44 -28.01
C LEU A 229 6.24 -0.69 -29.27
N LYS A 230 6.22 -1.41 -30.41
CA LYS A 230 5.76 -0.83 -31.70
C LYS A 230 4.27 -0.46 -31.65
N LEU A 231 3.45 -1.44 -31.26
CA LEU A 231 1.99 -1.28 -31.15
C LEU A 231 1.57 -0.23 -30.16
N ALA A 232 2.34 -0.05 -29.08
CA ALA A 232 2.02 0.94 -28.06
C ALA A 232 1.97 2.35 -28.60
N LYS A 233 2.56 2.58 -29.76
CA LYS A 233 2.44 3.90 -30.41
C LYS A 233 0.99 4.27 -30.85
N ASN A 234 0.14 3.26 -31.02
CA ASN A 234 -1.26 3.49 -31.36
C ASN A 234 -2.19 3.72 -30.13
N PHE A 235 -1.64 3.70 -28.90
CA PHE A 235 -2.45 3.75 -27.64
C PHE A 235 -1.98 4.99 -26.84
N PRO A 236 -2.82 5.54 -25.93
CA PRO A 236 -2.47 6.74 -25.21
C PRO A 236 -1.56 6.46 -23.98
N PHE A 237 -0.39 5.86 -24.22
CA PHE A 237 0.55 5.45 -23.18
C PHE A 237 1.76 6.41 -23.08
N GLU A 238 2.08 6.86 -21.86
CA GLU A 238 3.24 7.71 -21.64
C GLU A 238 4.42 6.90 -21.18
N VAL A 239 4.15 5.92 -20.30
CA VAL A 239 5.13 5.02 -19.68
C VAL A 239 5.09 3.63 -20.30
N PHE A 240 6.26 3.03 -20.53
CA PHE A 240 6.37 1.65 -20.97
C PHE A 240 7.22 0.93 -19.94
N GLN A 241 6.55 0.17 -19.07
CA GLN A 241 7.20 -0.45 -17.92
C GLN A 241 7.41 -1.93 -18.05
N ILE A 242 8.67 -2.37 -17.89
CA ILE A 242 9.01 -3.75 -17.87
C ILE A 242 8.85 -4.30 -16.46
N ASP A 243 8.12 -5.38 -16.31
CA ASP A 243 7.89 -5.98 -14.97
C ASP A 243 8.83 -7.13 -14.74
N ASP A 244 8.64 -7.90 -13.68
CA ASP A 244 9.41 -9.10 -13.32
C ASP A 244 9.49 -10.06 -14.53
N ALA A 245 10.71 -10.42 -14.92
CA ALA A 245 11.01 -11.36 -16.06
C ALA A 245 12.44 -11.18 -16.60
N TYR A 246 12.91 -9.94 -16.60
CA TYR A 246 14.15 -9.54 -17.30
C TYR A 246 15.38 -9.91 -16.50
N GLU A 247 15.23 -10.02 -15.18
CA GLU A 247 16.37 -10.14 -14.28
C GLU A 247 16.82 -11.55 -14.03
N LYS A 248 18.12 -11.75 -13.90
CA LYS A 248 18.60 -13.12 -13.62
C LYS A 248 18.25 -13.66 -12.28
N ASP A 249 18.22 -12.81 -11.25
CA ASP A 249 17.84 -13.28 -9.92
C ASP A 249 17.39 -12.06 -9.07
N ILE A 250 16.67 -12.37 -8.01
CA ILE A 250 16.16 -11.38 -7.05
C ILE A 250 17.30 -10.78 -6.22
N GLY A 251 17.62 -9.52 -6.49
CA GLY A 251 18.78 -8.83 -5.94
C GLY A 251 19.76 -8.39 -7.04
N ASP A 252 19.79 -9.12 -8.16
CA ASP A 252 20.83 -8.92 -9.17
C ASP A 252 20.19 -8.14 -10.31
N TRP A 253 19.80 -6.89 -10.02
CA TRP A 253 18.89 -6.10 -10.85
C TRP A 253 19.52 -5.56 -12.14
N LEU A 254 20.85 -5.59 -12.24
CA LEU A 254 21.50 -5.12 -13.45
C LEU A 254 22.05 -6.27 -14.27
N VAL A 255 21.69 -7.51 -13.93
CA VAL A 255 22.11 -8.72 -14.68
C VAL A 255 20.85 -9.30 -15.34
N THR A 256 20.81 -9.34 -16.67
CA THR A 256 19.68 -9.88 -17.39
C THR A 256 19.80 -11.35 -17.80
N ARG A 257 18.68 -11.94 -18.26
CA ARG A 257 18.60 -13.35 -18.65
C ARG A 257 17.91 -13.47 -20.01
N GLY A 258 17.92 -14.69 -20.54
CA GLY A 258 17.10 -15.04 -21.71
C GLY A 258 17.56 -14.24 -22.87
N ASP A 259 16.62 -13.68 -23.61
CA ASP A 259 16.90 -12.85 -24.76
C ASP A 259 16.91 -11.36 -24.49
N PHE A 260 16.96 -10.95 -23.21
CA PHE A 260 16.96 -9.51 -22.92
C PHE A 260 18.36 -8.91 -23.20
N PRO A 261 18.41 -7.70 -23.72
CA PRO A 261 19.72 -7.00 -23.71
C PRO A 261 20.09 -6.52 -22.28
N SER A 262 21.03 -5.58 -22.21
CA SER A 262 21.40 -4.96 -20.93
C SER A 262 20.25 -4.08 -20.42
N VAL A 263 20.19 -3.91 -19.11
CA VAL A 263 19.26 -2.99 -18.53
C VAL A 263 19.37 -1.57 -19.11
N GLU A 264 20.61 -1.11 -19.38
CA GLU A 264 20.79 0.19 -20.00
C GLU A 264 20.27 0.22 -21.48
N GLU A 265 20.52 -0.87 -22.19
CA GLU A 265 20.07 -0.99 -23.57
C GLU A 265 18.55 -1.05 -23.63
N MET A 266 17.91 -1.71 -22.66
CA MET A 266 16.45 -1.70 -22.66
C MET A 266 15.92 -0.29 -22.55
N ALA A 267 16.51 0.50 -21.65
CA ALA A 267 16.08 1.84 -21.52
C ALA A 267 16.25 2.67 -22.79
N LYS A 268 17.40 2.49 -23.44
CA LYS A 268 17.69 3.23 -24.67
C LYS A 268 16.72 2.88 -25.81
N VAL A 269 16.42 1.60 -26.00
CA VAL A 269 15.42 1.17 -27.03
C VAL A 269 14.04 1.73 -26.70
N ILE A 270 13.62 1.61 -25.43
CA ILE A 270 12.34 2.14 -25.04
C ILE A 270 12.29 3.65 -25.27
N ALA A 271 13.31 4.37 -24.81
CA ALA A 271 13.37 5.82 -25.01
C ALA A 271 13.45 6.19 -26.51
N GLU A 272 14.22 5.44 -27.31
CA GLU A 272 14.32 5.74 -28.76
C GLU A 272 12.95 5.60 -29.44
N ASN A 273 12.09 4.74 -28.88
CA ASN A 273 10.70 4.58 -29.37
C ASN A 273 9.72 5.56 -28.77
N GLY A 274 10.21 6.52 -28.00
CA GLY A 274 9.39 7.66 -27.58
C GLY A 274 8.60 7.43 -26.28
N PHE A 275 8.95 6.41 -25.48
CA PHE A 275 8.29 6.28 -24.16
C PHE A 275 9.17 6.67 -22.97
N ILE A 276 8.56 6.90 -21.82
CA ILE A 276 9.30 6.99 -20.57
C ILE A 276 9.59 5.60 -20.11
N PRO A 277 10.87 5.24 -19.96
CA PRO A 277 11.08 3.88 -19.56
C PRO A 277 10.76 3.67 -18.06
N GLY A 278 10.16 2.52 -17.80
CA GLY A 278 9.80 2.12 -16.45
C GLY A 278 10.33 0.76 -16.18
N ILE A 279 10.64 0.45 -14.91
CA ILE A 279 11.15 -0.85 -14.58
C ILE A 279 10.73 -1.26 -13.15
N TRP A 280 10.46 -2.55 -13.01
CA TRP A 280 10.15 -3.25 -11.78
C TRP A 280 11.43 -3.71 -11.09
N THR A 281 11.48 -3.50 -9.79
CA THR A 281 12.45 -4.18 -8.91
C THR A 281 11.75 -4.55 -7.64
N ALA A 282 12.40 -5.43 -6.84
CA ALA A 282 12.01 -5.76 -5.46
C ALA A 282 13.18 -5.40 -4.60
N PRO A 283 13.37 -4.11 -4.28
CA PRO A 283 14.71 -3.64 -3.94
C PRO A 283 15.17 -3.97 -2.52
N PHE A 284 14.26 -4.39 -1.64
CA PHE A 284 14.66 -4.82 -0.30
C PHE A 284 14.82 -6.32 -0.15
N SER A 285 14.74 -7.07 -1.24
CA SER A 285 14.69 -8.54 -1.29
C SER A 285 15.98 -9.05 -1.96
N VAL A 286 16.60 -10.11 -1.39
CA VAL A 286 17.69 -10.81 -2.06
C VAL A 286 17.48 -12.31 -1.90
N SER A 287 17.47 -13.04 -3.01
CA SER A 287 17.19 -14.48 -2.86
C SER A 287 18.44 -15.22 -2.37
N GLU A 288 18.21 -16.43 -1.87
CA GLU A 288 19.29 -17.31 -1.45
C GLU A 288 20.29 -17.66 -2.56
N THR A 289 19.91 -17.55 -3.81
CA THR A 289 20.78 -17.90 -4.92
C THR A 289 21.45 -16.68 -5.53
N SER A 290 21.05 -15.47 -5.14
CA SER A 290 21.54 -14.31 -5.84
C SER A 290 23.03 -14.09 -5.64
N ASP A 291 23.64 -13.36 -6.56
CA ASP A 291 25.05 -13.00 -6.43
C ASP A 291 25.21 -12.06 -5.23
N VAL A 292 24.29 -11.12 -5.10
CA VAL A 292 24.44 -10.13 -4.05
C VAL A 292 24.41 -10.78 -2.67
N PHE A 293 23.49 -11.70 -2.45
CA PHE A 293 23.46 -12.42 -1.20
C PHE A 293 24.72 -13.27 -0.97
N ASN A 294 25.19 -13.94 -2.02
CA ASN A 294 26.33 -14.86 -1.83
C ASN A 294 27.63 -14.08 -1.62
N GLU A 295 27.70 -12.85 -2.12
CA GLU A 295 28.83 -11.98 -1.85
C GLU A 295 28.79 -11.31 -0.47
N HIS A 296 27.58 -11.07 0.03
CA HIS A 296 27.33 -10.22 1.19
C HIS A 296 26.34 -10.87 2.14
N PRO A 297 26.71 -12.00 2.73
CA PRO A 297 25.83 -12.67 3.66
C PRO A 297 25.47 -11.90 4.89
N ASP A 298 26.27 -10.85 5.15
N ASP A 298 26.24 -10.91 5.31
CA ASP A 298 26.18 -9.98 6.29
CA ASP A 298 25.86 -10.14 6.51
C ASP A 298 25.11 -8.88 6.10
C ASP A 298 25.17 -8.78 6.09
N TRP A 299 24.67 -8.68 4.86
CA TRP A 299 23.74 -7.58 4.48
C TRP A 299 22.26 -7.82 4.81
N VAL A 300 21.89 -8.90 5.49
CA VAL A 300 20.47 -9.23 5.61
C VAL A 300 20.05 -9.25 7.07
N VAL A 301 18.75 -9.11 7.29
CA VAL A 301 18.20 -9.19 8.64
C VAL A 301 18.39 -10.64 9.16
N LYS A 302 18.63 -10.80 10.46
CA LYS A 302 18.97 -12.10 11.02
C LYS A 302 18.05 -12.60 12.11
N GLU A 303 18.07 -13.90 12.31
CA GLU A 303 17.41 -14.50 13.47
C GLU A 303 18.39 -15.52 14.04
N ASN A 304 18.66 -15.38 15.34
CA ASN A 304 19.74 -16.08 16.07
C ASN A 304 21.04 -16.08 15.26
N GLY A 305 21.37 -14.93 14.69
CA GLY A 305 22.60 -14.74 13.96
C GLY A 305 22.62 -15.21 12.53
N GLU A 306 21.55 -15.86 12.07
CA GLU A 306 21.53 -16.45 10.76
C GLU A 306 20.53 -15.68 9.90
N PRO A 307 20.67 -15.73 8.58
CA PRO A 307 19.72 -15.07 7.67
C PRO A 307 18.29 -15.50 7.92
N LYS A 308 17.39 -14.54 8.08
CA LYS A 308 16.01 -14.77 8.40
C LYS A 308 15.18 -14.68 7.13
N MET A 309 14.51 -15.77 6.79
CA MET A 309 13.63 -15.74 5.63
C MET A 309 12.54 -14.66 5.81
N ALA A 310 12.42 -13.78 4.82
CA ALA A 310 11.37 -12.78 4.86
C ALA A 310 10.05 -13.26 4.26
N TYR A 311 10.19 -14.10 3.24
CA TYR A 311 9.07 -14.68 2.52
C TYR A 311 9.70 -15.71 1.56
N ARG A 312 8.88 -16.60 1.00
CA ARG A 312 9.29 -17.53 -0.06
C ARG A 312 8.48 -17.21 -1.30
N ASN A 313 9.18 -17.02 -2.40
CA ASN A 313 8.56 -16.73 -3.69
C ASN A 313 9.53 -17.13 -4.75
N TRP A 314 9.05 -17.30 -5.98
CA TRP A 314 9.85 -17.80 -7.12
C TRP A 314 10.55 -19.16 -6.82
N ASN A 315 9.97 -19.91 -5.90
CA ASN A 315 10.46 -21.19 -5.40
C ASN A 315 11.85 -21.07 -4.78
N LYS A 316 12.06 -19.98 -4.03
CA LYS A 316 13.34 -19.72 -3.32
C LYS A 316 13.06 -19.01 -1.99
N LYS A 317 13.92 -19.24 -1.02
CA LYS A 317 13.93 -18.44 0.17
C LYS A 317 14.41 -17.02 -0.20
N ILE A 318 13.69 -16.01 0.29
CA ILE A 318 14.05 -14.62 0.02
C ILE A 318 14.33 -13.90 1.33
N TYR A 319 15.50 -13.25 1.38
CA TYR A 319 15.94 -12.57 2.57
C TYR A 319 15.71 -11.06 2.43
N ALA A 320 15.70 -10.37 3.56
CA ALA A 320 15.51 -8.93 3.60
C ALA A 320 16.81 -8.20 3.78
N LEU A 321 17.04 -7.17 2.96
CA LEU A 321 18.18 -6.30 3.22
C LEU A 321 18.02 -5.56 4.56
N ASP A 322 19.13 -5.48 5.32
CA ASP A 322 19.20 -4.73 6.56
C ASP A 322 19.47 -3.27 6.20
N LEU A 323 18.41 -2.48 6.27
CA LEU A 323 18.45 -1.09 5.87
C LEU A 323 18.99 -0.18 6.99
N SER A 324 19.46 -0.77 8.09
CA SER A 324 20.22 -0.03 9.10
C SER A 324 21.68 0.07 8.73
N LYS A 325 22.13 -0.70 7.74
CA LYS A 325 23.56 -0.75 7.37
C LYS A 325 23.89 0.26 6.31
N ASP A 326 24.93 1.06 6.53
CA ASP A 326 25.32 2.03 5.52
C ASP A 326 25.79 1.36 4.23
N GLU A 327 26.47 0.20 4.30
CA GLU A 327 26.87 -0.47 3.06
C GLU A 327 25.67 -0.82 2.19
N VAL A 328 24.57 -1.23 2.82
CA VAL A 328 23.36 -1.60 2.10
C VAL A 328 22.73 -0.34 1.48
N LEU A 329 22.59 0.71 2.28
CA LEU A 329 22.03 1.97 1.74
C LEU A 329 22.89 2.54 0.59
N ASN A 330 24.23 2.43 0.67
CA ASN A 330 25.04 2.87 -0.49
C ASN A 330 24.81 2.04 -1.73
N TRP A 331 24.67 0.74 -1.56
CA TRP A 331 24.37 -0.15 -2.68
C TRP A 331 23.03 0.23 -3.33
N LEU A 332 22.02 0.51 -2.49
CA LEU A 332 20.71 0.96 -3.00
C LEU A 332 20.81 2.28 -3.75
N PHE A 333 21.53 3.23 -3.16
CA PHE A 333 21.70 4.54 -3.81
C PHE A 333 22.37 4.36 -5.20
N ASP A 334 23.43 3.55 -5.23
CA ASP A 334 24.20 3.37 -6.48
C ASP A 334 23.36 2.68 -7.53
N LEU A 335 22.57 1.67 -7.10
CA LEU A 335 21.68 0.95 -8.00
C LEU A 335 20.67 1.93 -8.62
N PHE A 336 19.94 2.66 -7.79
CA PHE A 336 18.89 3.51 -8.33
C PHE A 336 19.45 4.75 -9.05
N SER A 337 20.63 5.18 -8.63
CA SER A 337 21.34 6.25 -9.35
C SER A 337 21.76 5.76 -10.74
N SER A 338 22.20 4.49 -10.83
N SER A 338 22.24 4.52 -10.86
CA SER A 338 22.62 3.86 -12.09
CA SER A 338 22.60 3.97 -12.17
C SER A 338 21.44 3.66 -13.05
C SER A 338 21.36 3.94 -13.05
N LEU A 339 20.27 3.38 -12.50
CA LEU A 339 19.06 3.29 -13.29
C LEU A 339 18.60 4.64 -13.82
N ARG A 340 18.64 5.64 -12.95
CA ARG A 340 18.32 7.00 -13.33
C ARG A 340 19.25 7.46 -14.52
N LYS A 341 20.54 7.14 -14.45
CA LYS A 341 21.50 7.58 -15.51
C LYS A 341 21.16 6.97 -16.85
N MET A 342 20.67 5.73 -16.82
CA MET A 342 20.20 5.03 -17.97
C MET A 342 18.96 5.63 -18.63
N GLY A 343 18.17 6.44 -17.93
CA GLY A 343 16.99 7.11 -18.48
C GLY A 343 15.66 6.59 -17.90
N TYR A 344 15.71 5.63 -16.96
CA TYR A 344 14.44 5.23 -16.29
C TYR A 344 13.92 6.38 -15.47
N ARG A 345 12.61 6.66 -15.58
CA ARG A 345 11.98 7.70 -14.80
C ARG A 345 10.64 7.24 -14.17
N TYR A 346 10.41 5.93 -14.21
CA TYR A 346 9.25 5.33 -13.54
C TYR A 346 9.69 4.03 -12.93
N PHE A 347 9.48 3.92 -11.62
CA PHE A 347 10.03 2.85 -10.85
C PHE A 347 8.95 2.12 -10.04
N LYS A 348 8.64 0.87 -10.41
CA LYS A 348 7.69 0.08 -9.63
C LYS A 348 8.55 -0.72 -8.60
N ILE A 349 8.41 -0.40 -7.32
CA ILE A 349 9.26 -0.99 -6.29
C ILE A 349 8.38 -1.90 -5.39
N ASP A 350 8.65 -3.20 -5.46
CA ASP A 350 7.69 -4.21 -5.03
C ASP A 350 8.26 -4.97 -3.83
N PHE A 351 7.36 -5.72 -3.16
CA PHE A 351 7.71 -6.50 -1.98
C PHE A 351 8.40 -5.69 -0.91
N LEU A 352 7.95 -4.44 -0.75
CA LEU A 352 8.66 -3.55 0.17
C LEU A 352 8.50 -3.94 1.63
N PHE A 353 7.44 -4.67 1.93
CA PHE A 353 7.26 -5.18 3.29
C PHE A 353 8.52 -5.91 3.81
N ALA A 354 9.29 -6.48 2.91
CA ALA A 354 10.49 -7.19 3.36
C ALA A 354 11.43 -6.31 4.17
N GLY A 355 11.54 -5.04 3.80
CA GLY A 355 12.43 -4.13 4.45
C GLY A 355 12.03 -3.83 5.90
N ALA A 356 10.79 -4.15 6.25
CA ALA A 356 10.20 -3.89 7.56
C ALA A 356 9.89 -5.15 8.33
N VAL A 357 10.50 -6.28 7.97
CA VAL A 357 10.29 -7.49 8.80
C VAL A 357 10.95 -7.35 10.15
N PRO A 358 10.31 -7.87 11.22
CA PRO A 358 10.98 -7.90 12.54
C PRO A 358 12.21 -8.79 12.49
N GLY A 359 13.26 -8.38 13.17
CA GLY A 359 14.43 -9.24 13.31
C GLY A 359 15.63 -8.49 13.83
N GLU A 360 16.79 -9.15 13.65
CA GLU A 360 18.05 -8.57 14.11
C GLU A 360 18.68 -7.74 13.03
N ARG A 361 18.98 -6.50 13.36
CA ARG A 361 19.65 -5.60 12.46
C ARG A 361 20.97 -5.11 13.13
N LYS A 362 21.83 -4.48 12.34
CA LYS A 362 23.14 -3.99 12.81
C LYS A 362 22.96 -2.88 13.84
N LYS A 363 21.99 -2.01 13.60
CA LYS A 363 21.65 -0.94 14.54
C LYS A 363 20.36 -1.33 15.27
N ASN A 364 20.27 -0.96 16.55
CA ASN A 364 19.09 -1.30 17.36
C ASN A 364 18.02 -0.23 17.13
N ILE A 365 17.45 -0.28 15.92
CA ILE A 365 16.37 0.61 15.48
C ILE A 365 15.19 -0.26 15.12
N THR A 366 13.99 0.35 15.00
CA THR A 366 12.82 -0.45 14.65
C THR A 366 12.83 -0.87 13.19
N PRO A 367 12.11 -1.92 12.87
CA PRO A 367 11.94 -2.23 11.42
C PRO A 367 11.34 -1.08 10.64
N ILE A 368 10.47 -0.26 11.27
CA ILE A 368 9.86 0.87 10.54
C ILE A 368 10.91 1.97 10.30
N GLN A 369 11.77 2.25 11.28
CA GLN A 369 12.85 3.20 11.10
C GLN A 369 13.83 2.77 9.97
N ALA A 370 14.10 1.47 9.93
CA ALA A 370 14.94 0.85 8.87
C ALA A 370 14.26 1.03 7.51
N PHE A 371 12.98 0.62 7.45
CA PHE A 371 12.20 0.73 6.23
C PHE A 371 12.28 2.15 5.65
N ARG A 372 12.03 3.14 6.48
CA ARG A 372 12.03 4.53 6.03
C ARG A 372 13.39 5.03 5.55
N LYS A 373 14.49 4.59 6.15
CA LYS A 373 15.81 4.93 5.62
C LYS A 373 15.98 4.33 4.22
N GLY A 374 15.50 3.11 3.99
CA GLY A 374 15.59 2.52 2.65
C GLY A 374 14.82 3.25 1.58
N ILE A 375 13.53 3.52 1.82
N ILE A 375 13.55 3.56 1.86
CA ILE A 375 12.77 4.20 0.77
CA ILE A 375 12.71 4.21 0.86
C ILE A 375 13.27 5.63 0.57
C ILE A 375 13.14 5.68 0.62
N GLU A 376 13.67 6.31 1.65
CA GLU A 376 14.25 7.67 1.52
C GLU A 376 15.50 7.68 0.66
N THR A 377 16.30 6.63 0.77
CA THR A 377 17.50 6.50 -0.05
C THR A 377 17.13 6.35 -1.54
N ILE A 378 16.12 5.52 -1.81
CA ILE A 378 15.65 5.33 -3.18
C ILE A 378 15.20 6.66 -3.78
N ARG A 379 14.39 7.41 -3.04
CA ARG A 379 13.88 8.70 -3.46
C ARG A 379 15.03 9.66 -3.79
N LYS A 380 16.03 9.71 -2.93
CA LYS A 380 17.15 10.60 -3.17
C LYS A 380 17.87 10.26 -4.49
N ALA A 381 18.05 8.95 -4.70
CA ALA A 381 18.78 8.43 -5.81
C ALA A 381 18.07 8.65 -7.15
N VAL A 382 16.73 8.49 -7.22
CA VAL A 382 16.03 8.66 -8.48
C VAL A 382 15.68 10.11 -8.78
N GLY A 383 15.71 10.93 -7.75
CA GLY A 383 15.43 12.37 -7.83
C GLY A 383 13.96 12.73 -7.83
N GLU A 384 13.70 14.03 -7.89
CA GLU A 384 12.33 14.58 -7.82
C GLU A 384 11.55 14.46 -9.12
N ASP A 385 12.24 14.19 -10.21
CA ASP A 385 11.60 14.02 -11.51
C ASP A 385 11.28 12.56 -11.90
N SER A 386 11.55 11.61 -11.02
CA SER A 386 11.17 10.22 -11.27
C SER A 386 9.88 9.93 -10.53
N PHE A 387 9.06 9.08 -11.09
CA PHE A 387 7.82 8.64 -10.42
C PHE A 387 8.09 7.33 -9.70
N ILE A 388 7.80 7.27 -8.39
CA ILE A 388 7.93 6.03 -7.63
C ILE A 388 6.53 5.47 -7.36
N LEU A 389 6.32 4.26 -7.83
CA LEU A 389 5.09 3.47 -7.57
C LEU A 389 5.49 2.36 -6.53
N GLY A 390 4.93 2.45 -5.31
CA GLY A 390 5.12 1.41 -4.32
C GLY A 390 4.20 0.20 -4.48
N CYS A 391 4.66 -0.98 -4.08
CA CYS A 391 3.85 -2.19 -4.23
C CYS A 391 4.25 -3.17 -3.16
N GLY A 392 3.32 -4.03 -2.77
CA GLY A 392 3.60 -4.96 -1.66
C GLY A 392 4.12 -4.28 -0.42
N SER A 393 3.60 -3.08 -0.13
CA SER A 393 4.26 -2.16 0.77
C SER A 393 3.44 -1.82 2.00
N PRO A 394 4.11 -1.72 3.16
CA PRO A 394 3.51 -0.94 4.25
C PRO A 394 3.01 0.42 3.79
N LEU A 395 1.77 0.78 4.19
CA LEU A 395 1.15 1.98 3.66
C LEU A 395 1.60 3.28 4.34
N LEU A 396 1.26 3.45 5.61
CA LEU A 396 1.60 4.73 6.26
C LEU A 396 3.07 5.14 6.25
N PRO A 397 4.01 4.20 6.45
CA PRO A 397 5.42 4.60 6.44
C PRO A 397 5.93 5.15 5.13
N ALA A 398 5.21 4.85 4.03
CA ALA A 398 5.62 5.26 2.69
C ALA A 398 5.03 6.59 2.27
N VAL A 399 4.17 7.16 3.10
CA VAL A 399 3.54 8.47 2.73
C VAL A 399 4.60 9.57 2.82
N GLY A 400 4.69 10.39 1.77
CA GLY A 400 5.74 11.39 1.65
C GLY A 400 6.93 11.00 0.77
N CYS A 401 7.02 9.71 0.46
CA CYS A 401 8.12 9.19 -0.35
CA CYS A 401 8.15 9.19 -0.35
C CYS A 401 7.66 8.73 -1.73
N VAL A 402 6.66 7.83 -1.78
CA VAL A 402 6.13 7.40 -3.04
C VAL A 402 5.17 8.41 -3.67
N ASP A 403 5.09 8.38 -5.01
CA ASP A 403 4.14 9.16 -5.71
C ASP A 403 2.80 8.39 -5.94
N GLY A 404 2.89 7.07 -6.19
CA GLY A 404 1.73 6.23 -6.41
C GLY A 404 1.90 5.01 -5.53
N MET A 405 0.80 4.35 -5.22
CA MET A 405 0.89 3.15 -4.40
C MET A 405 -0.17 2.17 -4.81
N ARG A 406 0.24 0.89 -5.00
CA ARG A 406 -0.74 -0.19 -5.14
C ARG A 406 -1.50 -0.43 -3.85
N ILE A 407 -2.82 -0.37 -3.91
CA ILE A 407 -3.64 -0.43 -2.69
C ILE A 407 -4.52 -1.68 -2.64
N GLY A 408 -4.32 -2.62 -3.56
CA GLY A 408 -5.00 -3.90 -3.46
C GLY A 408 -4.17 -5.11 -3.84
N PRO A 409 -4.76 -6.29 -3.63
CA PRO A 409 -4.18 -7.52 -4.15
C PRO A 409 -4.16 -7.49 -5.66
N ASP A 410 -3.34 -8.39 -6.27
CA ASP A 410 -3.21 -8.36 -7.73
C ASP A 410 -4.53 -8.63 -8.41
N THR A 411 -4.75 -7.91 -9.50
CA THR A 411 -5.80 -8.25 -10.44
C THR A 411 -5.37 -9.47 -11.25
N ALA A 412 -6.24 -9.88 -12.18
CA ALA A 412 -6.01 -11.12 -12.93
C ALA A 412 -6.91 -11.07 -14.18
N PRO A 413 -6.54 -11.84 -15.22
CA PRO A 413 -7.39 -11.94 -16.41
C PRO A 413 -8.59 -12.89 -16.21
N PHE A 414 -9.18 -12.84 -15.02
CA PHE A 414 -10.39 -13.52 -14.70
C PHE A 414 -11.00 -12.83 -13.47
N TRP A 415 -12.28 -13.02 -13.27
CA TRP A 415 -12.99 -12.36 -12.18
C TRP A 415 -12.60 -12.96 -10.85
N GLY A 416 -12.46 -14.28 -10.85
CA GLY A 416 -12.00 -15.00 -9.68
C GLY A 416 -13.14 -15.62 -8.92
N GLU A 417 -14.09 -16.23 -9.63
CA GLU A 417 -15.27 -16.78 -8.98
C GLU A 417 -14.91 -17.74 -7.84
N HIS A 418 -13.86 -18.54 -8.02
CA HIS A 418 -13.47 -19.51 -6.97
C HIS A 418 -12.29 -19.04 -6.14
N ILE A 419 -11.92 -17.76 -6.25
CA ILE A 419 -10.89 -17.20 -5.41
C ILE A 419 -11.52 -16.56 -4.14
N GLU A 420 -11.08 -17.03 -2.98
CA GLU A 420 -11.50 -16.46 -1.71
C GLU A 420 -10.80 -15.13 -1.49
N ASP A 421 -11.34 -14.37 -0.54
CA ASP A 421 -10.78 -13.07 -0.13
C ASP A 421 -9.57 -13.26 0.76
N ASN A 422 -8.47 -13.75 0.17
CA ASN A 422 -7.29 -14.06 0.94
C ASN A 422 -5.96 -13.71 0.31
N GLY A 423 -5.96 -12.65 -0.49
CA GLY A 423 -4.73 -12.14 -1.12
C GLY A 423 -4.26 -12.75 -2.42
N ALA A 424 -4.89 -13.83 -2.86
CA ALA A 424 -4.61 -14.40 -4.21
C ALA A 424 -5.16 -13.52 -5.37
N PRO A 425 -4.55 -13.60 -6.58
CA PRO A 425 -5.00 -12.76 -7.67
C PRO A 425 -6.45 -13.02 -8.07
N ALA A 426 -7.16 -11.92 -8.25
CA ALA A 426 -8.57 -11.96 -8.72
C ALA A 426 -9.04 -10.53 -8.99
N ALA A 427 -9.63 -10.28 -10.16
CA ALA A 427 -10.14 -8.97 -10.44
C ALA A 427 -11.13 -8.50 -9.36
N ARG A 428 -11.99 -9.40 -8.90
CA ARG A 428 -13.05 -9.01 -7.97
C ARG A 428 -12.50 -8.44 -6.64
N TRP A 429 -11.41 -9.00 -6.13
CA TRP A 429 -10.89 -8.55 -4.82
C TRP A 429 -9.93 -7.35 -4.99
N ALA A 430 -9.19 -7.29 -6.08
CA ALA A 430 -8.43 -6.09 -6.44
C ALA A 430 -9.38 -4.85 -6.50
N LEU A 431 -10.53 -5.00 -7.13
CA LEU A 431 -11.43 -3.87 -7.27
C LEU A 431 -12.04 -3.48 -5.93
N ARG A 432 -12.39 -4.46 -5.11
CA ARG A 432 -12.94 -4.19 -3.80
C ARG A 432 -12.00 -3.28 -2.98
N ASN A 433 -10.69 -3.55 -2.98
CA ASN A 433 -9.78 -2.71 -2.25
C ASN A 433 -9.65 -1.31 -2.84
N ALA A 434 -9.72 -1.18 -4.16
CA ALA A 434 -9.71 0.16 -4.79
C ALA A 434 -10.89 1.02 -4.27
N ILE A 435 -12.00 0.35 -3.99
CA ILE A 435 -13.14 0.99 -3.38
C ILE A 435 -12.99 1.31 -1.94
N THR A 436 -12.61 0.32 -1.13
CA THR A 436 -12.57 0.55 0.29
C THR A 436 -11.40 1.42 0.74
N ARG A 437 -10.33 1.52 -0.06
CA ARG A 437 -9.22 2.43 0.25
C ARG A 437 -9.25 3.72 -0.56
N TYR A 438 -10.40 4.03 -1.18
CA TYR A 438 -10.49 5.13 -2.11
C TYR A 438 -10.06 6.48 -1.51
N PHE A 439 -10.24 6.62 -0.21
CA PHE A 439 -10.05 7.90 0.48
C PHE A 439 -8.57 8.24 0.58
N MET A 440 -7.66 7.26 0.41
CA MET A 440 -6.24 7.58 0.36
C MET A 440 -5.84 8.37 -0.89
N HIS A 441 -6.64 8.24 -1.93
CA HIS A 441 -6.27 8.78 -3.21
C HIS A 441 -6.25 10.30 -3.18
N ASP A 442 -5.21 10.90 -3.77
CA ASP A 442 -5.01 12.38 -3.80
C ASP A 442 -4.90 12.98 -2.41
N ARG A 443 -4.60 12.16 -1.43
CA ARG A 443 -4.33 12.58 -0.07
C ARG A 443 -2.99 11.99 0.43
N PHE A 444 -2.83 10.67 0.30
CA PHE A 444 -1.58 9.99 0.66
C PHE A 444 -0.60 9.98 -0.50
N TRP A 445 -1.14 9.94 -1.72
CA TRP A 445 -0.44 9.59 -2.95
C TRP A 445 -1.50 9.44 -4.04
N LEU A 446 -1.11 9.06 -5.24
CA LEU A 446 -2.04 8.49 -6.23
C LEU A 446 -2.28 7.00 -5.95
N ASN A 447 -3.53 6.59 -5.72
CA ASN A 447 -3.88 5.18 -5.67
C ASN A 447 -3.70 4.46 -7.01
N ASP A 448 -3.06 3.29 -6.95
CA ASP A 448 -2.94 2.41 -8.08
C ASP A 448 -3.84 1.22 -7.82
N PRO A 449 -4.89 1.09 -8.62
CA PRO A 449 -5.87 -0.01 -8.43
C PRO A 449 -5.50 -1.30 -9.18
N ASP A 450 -4.31 -1.29 -9.78
CA ASP A 450 -3.71 -2.40 -10.54
C ASP A 450 -4.25 -2.31 -11.97
N CYS A 451 -3.65 -3.06 -12.84
CA CYS A 451 -3.77 -2.74 -14.28
C CYS A 451 -5.12 -3.10 -14.88
N LEU A 452 -5.53 -2.33 -15.90
CA LEU A 452 -6.63 -2.75 -16.72
C LEU A 452 -6.22 -3.86 -17.68
N ILE A 453 -7.10 -4.84 -17.89
CA ILE A 453 -6.87 -6.00 -18.79
C ILE A 453 -8.02 -6.02 -19.79
N LEU A 454 -7.75 -5.43 -20.97
CA LEU A 454 -8.78 -5.02 -21.93
C LEU A 454 -8.71 -5.89 -23.20
N ARG A 455 -7.83 -6.88 -23.21
CA ARG A 455 -7.71 -7.75 -24.39
C ARG A 455 -8.98 -8.58 -24.59
N GLU A 456 -9.20 -9.05 -25.82
CA GLU A 456 -10.38 -9.89 -26.10
C GLU A 456 -10.09 -11.31 -26.57
N GLU A 457 -8.84 -11.76 -26.45
CA GLU A 457 -8.53 -13.19 -26.38
C GLU A 457 -7.54 -13.41 -25.24
N LYS A 458 -7.28 -14.66 -24.89
CA LYS A 458 -6.43 -15.05 -23.75
C LYS A 458 -6.87 -14.42 -22.41
N THR A 459 -8.17 -14.45 -22.21
CA THR A 459 -8.80 -13.91 -20.99
C THR A 459 -10.15 -14.57 -20.76
N ASP A 460 -10.57 -14.70 -19.49
CA ASP A 460 -11.93 -15.16 -19.20
C ASP A 460 -12.83 -13.99 -18.74
N LEU A 461 -12.31 -12.76 -18.74
CA LEU A 461 -13.15 -11.59 -18.43
C LEU A 461 -14.19 -11.31 -19.54
N THR A 462 -15.43 -11.03 -19.15
CA THR A 462 -16.47 -10.57 -20.10
C THR A 462 -16.31 -9.10 -20.41
N GLN A 463 -16.89 -8.63 -21.52
CA GLN A 463 -16.92 -7.21 -21.81
C GLN A 463 -17.50 -6.40 -20.64
N LYS A 464 -18.58 -6.90 -20.02
CA LYS A 464 -19.18 -6.21 -18.88
C LYS A 464 -18.24 -6.14 -17.65
N GLU A 465 -17.52 -7.23 -17.35
CA GLU A 465 -16.50 -7.20 -16.27
C GLU A 465 -15.34 -6.25 -16.54
N LYS A 466 -14.91 -6.18 -17.79
CA LYS A 466 -13.88 -5.22 -18.16
C LYS A 466 -14.35 -3.80 -17.95
N GLU A 467 -15.59 -3.52 -18.35
CA GLU A 467 -16.18 -2.22 -18.21
C GLU A 467 -16.34 -1.81 -16.75
N LEU A 468 -16.83 -2.74 -15.95
CA LEU A 468 -17.07 -2.49 -14.56
C LEU A 468 -15.75 -2.09 -13.88
N TYR A 469 -14.72 -2.92 -14.07
CA TYR A 469 -13.38 -2.64 -13.46
C TYR A 469 -12.85 -1.29 -13.89
N SER A 470 -12.87 -1.03 -15.19
CA SER A 470 -12.21 0.14 -15.78
C SER A 470 -12.94 1.41 -15.47
N TYR A 471 -14.27 1.41 -15.63
CA TYR A 471 -15.01 2.62 -15.30
C TYR A 471 -15.01 2.95 -13.79
N THR A 472 -15.03 1.93 -12.91
CA THR A 472 -14.92 2.20 -11.49
C THR A 472 -13.58 2.90 -11.22
N CYS A 473 -12.48 2.39 -11.81
CA CYS A 473 -11.18 3.01 -11.63
C CYS A 473 -11.15 4.47 -12.11
N GLY A 474 -11.83 4.77 -13.23
CA GLY A 474 -11.87 6.14 -13.75
C GLY A 474 -12.65 7.09 -12.87
N VAL A 475 -13.79 6.62 -12.38
CA VAL A 475 -14.59 7.44 -11.46
C VAL A 475 -13.78 7.72 -10.17
N LEU A 476 -13.00 6.73 -9.70
CA LEU A 476 -12.18 6.93 -8.55
C LEU A 476 -10.95 7.85 -8.79
N ASP A 477 -10.69 8.23 -10.04
CA ASP A 477 -9.55 9.08 -10.38
C ASP A 477 -8.22 8.37 -10.16
N ASN A 478 -8.25 7.05 -10.18
CA ASN A 478 -7.06 6.27 -9.90
C ASN A 478 -6.11 6.20 -11.09
N MET A 479 -4.87 5.84 -10.85
CA MET A 479 -3.94 5.53 -11.97
C MET A 479 -4.51 4.51 -12.97
N ILE A 480 -4.30 4.75 -14.26
CA ILE A 480 -4.79 3.90 -15.34
C ILE A 480 -3.60 3.42 -16.19
N ILE A 481 -3.24 2.19 -15.95
CA ILE A 481 -2.16 1.46 -16.62
C ILE A 481 -2.73 0.18 -17.24
N GLU A 482 -2.42 -0.11 -18.50
CA GLU A 482 -2.95 -1.28 -19.18
C GLU A 482 -1.89 -2.34 -19.24
N SER A 483 -2.29 -3.60 -19.11
CA SER A 483 -1.38 -4.77 -19.19
C SER A 483 -1.99 -5.84 -20.08
N ASP A 484 -1.58 -5.82 -21.35
CA ASP A 484 -2.12 -6.70 -22.41
C ASP A 484 -1.06 -6.93 -23.52
N ASP A 485 -1.20 -8.07 -24.18
CA ASP A 485 -0.64 -8.27 -25.55
C ASP A 485 -1.48 -7.39 -26.43
N LEU A 486 -0.90 -6.29 -26.85
CA LEU A 486 -1.64 -5.24 -27.54
C LEU A 486 -2.16 -5.70 -28.92
N SER A 487 -1.67 -6.84 -29.40
CA SER A 487 -2.25 -7.49 -30.62
C SER A 487 -3.63 -8.02 -30.38
N LEU A 488 -4.00 -8.20 -29.11
CA LEU A 488 -5.23 -8.85 -28.77
C LEU A 488 -6.26 -7.88 -28.27
N VAL A 489 -5.94 -6.59 -28.34
CA VAL A 489 -6.82 -5.55 -27.89
C VAL A 489 -7.45 -4.92 -29.15
N ARG A 490 -8.77 -5.03 -29.30
CA ARG A 490 -9.46 -4.45 -30.47
C ARG A 490 -10.47 -3.36 -30.14
N ASP A 491 -11.53 -3.20 -30.94
CA ASP A 491 -12.36 -2.03 -30.82
C ASP A 491 -12.93 -1.81 -29.40
N HIS A 492 -13.38 -2.89 -28.80
CA HIS A 492 -14.04 -2.79 -27.50
C HIS A 492 -13.03 -2.33 -26.44
N GLY A 493 -11.84 -2.91 -26.45
CA GLY A 493 -10.83 -2.54 -25.43
C GLY A 493 -10.34 -1.12 -25.55
N LYS A 494 -10.21 -0.65 -26.79
CA LYS A 494 -9.85 0.74 -27.05
C LYS A 494 -10.96 1.69 -26.65
N LYS A 495 -12.23 1.32 -26.90
CA LYS A 495 -13.35 2.11 -26.45
C LYS A 495 -13.39 2.21 -24.90
N VAL A 496 -13.16 1.10 -24.24
CA VAL A 496 -13.18 1.11 -22.75
C VAL A 496 -12.10 2.05 -22.19
N LEU A 497 -10.88 1.95 -22.73
CA LEU A 497 -9.77 2.83 -22.30
C LEU A 497 -10.10 4.29 -22.54
N LYS A 498 -10.60 4.61 -23.75
CA LYS A 498 -10.99 5.98 -24.04
C LYS A 498 -12.02 6.57 -23.06
N GLU A 499 -13.06 5.81 -22.77
CA GLU A 499 -14.13 6.29 -21.93
C GLU A 499 -13.72 6.30 -20.44
N THR A 500 -12.84 5.38 -20.07
CA THR A 500 -12.22 5.43 -18.75
C THR A 500 -11.46 6.75 -18.51
N LEU A 501 -10.63 7.14 -19.47
CA LEU A 501 -9.79 8.32 -19.28
C LEU A 501 -10.66 9.59 -19.24
N GLU A 502 -11.84 9.52 -19.84
CA GLU A 502 -12.83 10.60 -19.73
C GLU A 502 -13.45 10.79 -18.35
N LEU A 503 -13.35 9.78 -17.49
CA LEU A 503 -13.93 9.82 -16.15
C LEU A 503 -13.00 10.31 -15.05
N LEU A 504 -11.74 10.53 -15.41
CA LEU A 504 -10.70 11.01 -14.49
C LEU A 504 -10.88 12.46 -14.13
N GLY A 505 -10.21 12.88 -13.06
CA GLY A 505 -10.06 14.28 -12.75
C GLY A 505 -10.93 14.79 -11.66
N GLY A 506 -11.81 13.95 -11.11
CA GLY A 506 -12.69 14.33 -10.01
C GLY A 506 -12.26 14.02 -8.60
N ARG A 507 -13.16 14.37 -7.68
CA ARG A 507 -13.10 14.08 -6.27
C ARG A 507 -14.16 13.01 -5.93
N PRO A 508 -13.71 11.76 -5.76
CA PRO A 508 -14.64 10.68 -5.52
C PRO A 508 -15.02 10.52 -4.04
N ARG A 509 -16.18 9.89 -3.84
CA ARG A 509 -16.64 9.48 -2.56
C ARG A 509 -17.38 8.15 -2.77
N VAL A 510 -17.01 7.16 -1.96
CA VAL A 510 -17.81 5.98 -1.80
C VAL A 510 -18.84 6.20 -0.72
N GLN A 511 -20.12 6.28 -1.09
CA GLN A 511 -21.15 6.73 -0.13
C GLN A 511 -21.51 5.78 0.94
N ASN A 512 -21.40 4.48 0.69
CA ASN A 512 -21.79 3.49 1.68
C ASN A 512 -20.59 2.59 1.94
N ILE A 513 -19.58 3.19 2.56
CA ILE A 513 -18.28 2.52 2.76
C ILE A 513 -18.38 1.31 3.73
N MET A 514 -19.43 1.22 4.54
CA MET A 514 -19.63 0.10 5.47
C MET A 514 -20.46 -1.04 4.91
N SER A 515 -20.74 -1.01 3.62
CA SER A 515 -21.52 -2.08 2.96
C SER A 515 -20.90 -3.44 3.16
N GLU A 516 -21.74 -4.46 3.40
CA GLU A 516 -21.29 -5.83 3.47
C GLU A 516 -21.76 -6.72 2.30
N ASP A 517 -22.39 -6.16 1.28
CA ASP A 517 -22.88 -7.00 0.21
C ASP A 517 -22.27 -6.68 -1.15
N LEU A 518 -21.15 -5.96 -1.10
CA LEU A 518 -20.35 -5.68 -2.28
C LEU A 518 -21.07 -4.88 -3.37
N ARG A 519 -22.13 -4.18 -2.98
CA ARG A 519 -22.68 -3.16 -3.83
C ARG A 519 -22.34 -1.78 -3.28
N TYR A 520 -21.81 -0.92 -4.14
CA TYR A 520 -21.33 0.39 -3.74
C TYR A 520 -21.89 1.49 -4.63
N GLU A 521 -22.29 2.59 -3.99
N GLU A 521 -22.12 2.62 -3.99
CA GLU A 521 -22.62 3.82 -4.72
CA GLU A 521 -22.61 3.83 -4.65
C GLU A 521 -21.44 4.77 -4.63
C GLU A 521 -21.49 4.89 -4.61
N ILE A 522 -20.98 5.23 -5.78
CA ILE A 522 -19.77 6.05 -5.90
C ILE A 522 -20.06 7.28 -6.74
N VAL A 523 -19.74 8.45 -6.20
CA VAL A 523 -19.90 9.73 -6.92
C VAL A 523 -18.48 10.29 -7.12
N SER A 524 -18.31 11.08 -8.18
CA SER A 524 -17.12 11.88 -8.31
C SER A 524 -17.52 13.23 -8.92
N SER A 525 -17.18 14.31 -8.22
CA SER A 525 -17.45 15.65 -8.75
C SER A 525 -16.30 16.21 -9.59
N GLY A 526 -16.66 16.97 -10.64
CA GLY A 526 -15.70 17.70 -11.45
C GLY A 526 -14.74 16.88 -12.30
N THR A 527 -15.20 15.75 -12.84
CA THR A 527 -14.41 14.98 -13.79
C THR A 527 -14.36 15.69 -15.12
N LEU A 528 -13.60 15.13 -16.05
CA LEU A 528 -13.60 15.62 -17.43
C LEU A 528 -14.95 15.35 -18.13
N SER A 529 -15.89 14.71 -17.43
CA SER A 529 -17.26 14.49 -17.90
C SER A 529 -18.27 15.09 -16.96
N GLY A 530 -17.83 16.01 -16.14
CA GLY A 530 -18.69 16.61 -15.17
C GLY A 530 -18.85 15.74 -13.93
N ASN A 531 -19.97 15.95 -13.26
CA ASN A 531 -20.33 15.18 -12.07
C ASN A 531 -20.82 13.82 -12.53
N VAL A 532 -20.32 12.75 -11.91
CA VAL A 532 -20.66 11.40 -12.34
C VAL A 532 -21.03 10.57 -11.16
N LYS A 533 -21.74 9.48 -11.43
CA LYS A 533 -22.13 8.52 -10.41
C LYS A 533 -22.10 7.12 -11.00
N ILE A 534 -21.40 6.19 -10.33
CA ILE A 534 -21.51 4.79 -10.68
C ILE A 534 -21.99 3.95 -9.51
N VAL A 535 -22.96 3.08 -9.80
CA VAL A 535 -23.38 2.07 -8.82
C VAL A 535 -22.87 0.74 -9.32
N VAL A 536 -22.09 0.05 -8.49
CA VAL A 536 -21.43 -1.17 -8.89
C VAL A 536 -21.80 -2.29 -7.94
N ASP A 537 -21.96 -3.48 -8.48
CA ASP A 537 -22.30 -4.63 -7.68
C ASP A 537 -21.30 -5.70 -8.02
N LEU A 538 -20.38 -5.97 -7.07
CA LEU A 538 -19.32 -6.95 -7.34
C LEU A 538 -19.72 -8.41 -7.23
N ASN A 539 -20.93 -8.70 -6.70
CA ASN A 539 -21.47 -10.05 -6.79
C ASN A 539 -22.21 -10.37 -8.09
N SER A 540 -23.08 -9.48 -8.55
CA SER A 540 -23.77 -9.68 -9.80
C SER A 540 -22.90 -9.31 -11.01
N ARG A 541 -21.82 -8.58 -10.79
CA ARG A 541 -20.95 -8.08 -11.85
C ARG A 541 -21.66 -7.11 -12.78
N GLU A 542 -22.38 -6.16 -12.18
CA GLU A 542 -23.17 -5.17 -12.93
C GLU A 542 -22.80 -3.77 -12.49
N TYR A 543 -22.99 -2.81 -13.37
CA TYR A 543 -22.81 -1.40 -13.02
C TYR A 543 -23.86 -0.58 -13.69
N HIS A 544 -24.09 0.59 -13.13
CA HIS A 544 -24.92 1.62 -13.76
C HIS A 544 -24.23 2.98 -13.59
N LEU A 545 -23.80 3.57 -14.71
CA LEU A 545 -23.03 4.79 -14.73
C LEU A 545 -23.89 5.93 -15.27
N GLU A 546 -23.93 7.06 -14.57
CA GLU A 546 -24.62 8.31 -14.99
C GLU A 546 -23.62 9.45 -15.03
N LYS A 547 -23.63 10.22 -16.13
CA LYS A 547 -22.71 11.35 -16.32
C LYS A 547 -23.52 12.63 -16.60
N GLU A 548 -23.22 13.72 -15.91
CA GLU A 548 -23.95 14.98 -16.05
C GLU A 548 -23.16 15.88 -16.98
S SO4 B . -12.83 -17.69 -13.01
O1 SO4 B . -13.48 -16.44 -12.32
O2 SO4 B . -13.62 -18.90 -12.61
O3 SO4 B . -11.47 -17.94 -12.48
O4 SO4 B . -12.73 -17.44 -14.47
S SO4 C . 27.63 -0.73 7.98
O1 SO4 C . 27.44 -1.17 6.55
O2 SO4 C . 27.33 -1.90 8.84
O3 SO4 C . 29.07 -0.34 8.08
O4 SO4 C . 26.82 0.47 8.48
MG MG D . -6.77 13.81 -8.99
CAN 7D0 E . 3.07 -11.67 -5.84
CAP 7D0 E . 3.11 -12.57 -4.79
FAE 7D0 E . 3.96 -13.62 -4.86
CAO 7D0 E . 2.29 -12.37 -3.66
CAS 7D0 E . 1.44 -11.27 -3.59
FAF 7D0 E . 0.57 -11.15 -2.42
CAR 7D0 E . 1.39 -10.36 -4.67
CAM 7D0 E . 2.25 -10.54 -5.76
OAL 7D0 E . 2.24 -9.69 -6.84
CAD 7D0 E . 3.44 -8.80 -7.14
CAH 7D0 E . 4.41 -9.59 -7.98
CAI 7D0 E . 3.76 -10.51 -8.97
CAG 7D0 E . 4.57 -9.33 -9.45
CAQ 7D0 E . 5.89 -9.71 -10.08
OAT 7D0 E . 6.48 -10.86 -9.37
CAA 7D0 E . 3.84 -8.11 -10.07
OAU 7D0 E . 4.70 -6.93 -10.20
CAB 7D0 E . 2.57 -7.70 -9.29
OAJ 7D0 E . 1.97 -6.52 -9.92
CAC 7D0 E . 2.98 -7.46 -7.83
OAK 7D0 E . 1.89 -6.94 -7.02
#